data_6INY
#
_entry.id   6INY
#
_cell.length_a   71.635
_cell.length_b   71.635
_cell.length_c   364.356
_cell.angle_alpha   90.00
_cell.angle_beta   90.00
_cell.angle_gamma   120.00
#
_symmetry.space_group_name_H-M   'P 61 2 2'
#
loop_
_entity.id
_entity.type
_entity.pdbx_description
1 polymer 'UPF0061 protein YdiU'
2 non-polymer 'PHOSPHOAMINOPHOSPHONIC ACID-ADENYLATE ESTER'
3 non-polymer 'MAGNESIUM ION'
4 water water
#
_entity_poly.entity_id   1
_entity_poly.type   'polypeptide(L)'
_entity_poly.pdbx_seq_one_letter_code
;GPGS(MSE)TLSFITRWRDELPATYTTLSPTPLNNARLIWHNAELANTLGIPSSLFKNGAGVWGGETLLPG(MSE)SPLA
QVYSGHQFGVWAGQLGDGRGILLGEQRLADGTT(MSE)DWHLKGAGLTPYSR(MSE)GDGRAVLRSTIRESLASEA
(MSE)HYLGIPTTRALSIVTSDSPVYRETVEPGA(MSE)L(MSE)RVAPSHLRFGHFEHFYYRREPEKVRQLADFAIRHY
WSHLADDEDKYRLWFTDVVARTASLIAQWQTVGFAHGV(MSE)NTDN(MSE)SLLGLTLDYGPFGFLDDYEPGFICNHSD
HQGRYSFDNQPAVALWNLQRLAQTLSPFVAVDALNEALDSYQQVLLTHYGQR(MSE)RQKLGF(MSE)TEQKEDNALLNE
LFSL(MSE)ARERSDYTRTFR(MSE)LSLTEQHSAASPLRDEFIDRAAFDDWFARYRGRLQQDEVSDSERQQL(MSE)QS
VNPALVLRNWLAQRAIEAAEKGD(MSE)TELHRLHEALRNPFSDRDDDYVSRPPDWGKRLEVSCSS
;
_entity_poly.pdbx_strand_id   A
#
loop_
_chem_comp.id
_chem_comp.type
_chem_comp.name
_chem_comp.formula
ANP non-polymer 'PHOSPHOAMINOPHOSPHONIC ACID-ADENYLATE ESTER' 'C10 H17 N6 O12 P3'
MG non-polymer 'MAGNESIUM ION' 'Mg 2'
#
# COMPACT_ATOMS: atom_id res chain seq x y z
N THR A 6 7.08 29.59 -4.38
CA THR A 6 7.29 29.09 -3.02
C THR A 6 7.38 27.55 -2.79
N LEU A 7 7.21 26.69 -3.81
CA LEU A 7 7.54 25.27 -3.69
C LEU A 7 8.79 24.96 -4.54
N SER A 8 9.63 24.05 -4.04
CA SER A 8 10.92 23.75 -4.68
C SER A 8 10.82 22.42 -5.40
N PHE A 9 10.83 22.43 -6.74
CA PHE A 9 10.93 21.17 -7.47
C PHE A 9 12.32 21.01 -8.07
N ILE A 10 12.82 19.77 -8.09
CA ILE A 10 14.10 19.45 -8.72
C ILE A 10 13.86 18.51 -9.89
N THR A 11 14.81 18.51 -10.81
CA THR A 11 14.70 17.72 -12.03
C THR A 11 15.67 16.54 -11.93
N ARG A 12 15.61 15.85 -10.81
CA ARG A 12 16.63 14.86 -10.47
C ARG A 12 16.53 13.65 -11.39
N TRP A 13 15.35 13.02 -11.48
CA TRP A 13 15.15 11.88 -12.36
C TRP A 13 15.50 12.26 -13.80
N ARG A 14 14.93 13.35 -14.28
CA ARG A 14 15.16 13.79 -15.65
C ARG A 14 16.65 13.95 -15.93
N ASP A 15 17.40 14.61 -15.02
CA ASP A 15 18.81 14.90 -15.29
C ASP A 15 19.70 13.69 -15.06
N GLU A 16 19.35 12.80 -14.13
CA GLU A 16 20.28 11.74 -13.75
C GLU A 16 20.01 10.41 -14.44
N LEU A 17 18.81 10.19 -14.96
CA LEU A 17 18.42 8.90 -15.53
C LEU A 17 17.96 9.06 -16.97
N PRO A 18 18.77 9.67 -17.84
CA PRO A 18 18.33 9.83 -19.22
C PRO A 18 18.01 8.47 -19.82
N ALA A 19 17.03 8.48 -20.73
CA ALA A 19 16.59 7.32 -21.47
C ALA A 19 15.76 6.36 -20.64
N THR A 20 15.23 6.81 -19.50
CA THR A 20 14.26 6.05 -18.73
C THR A 20 12.86 6.64 -18.78
N TYR A 21 12.63 7.59 -19.67
CA TYR A 21 11.37 8.32 -19.65
C TYR A 21 11.14 8.99 -20.99
N THR A 22 9.91 9.46 -21.20
CA THR A 22 9.60 10.41 -22.26
C THR A 22 9.03 11.67 -21.63
N THR A 23 9.60 12.80 -21.98
CA THR A 23 9.02 14.08 -21.58
C THR A 23 7.71 14.28 -22.31
N LEU A 24 6.65 14.64 -21.58
CA LEU A 24 5.40 14.99 -22.23
C LEU A 24 4.47 15.57 -21.18
N SER A 25 3.39 16.16 -21.64
CA SER A 25 2.51 16.91 -20.77
C SER A 25 1.18 16.17 -20.57
N PRO A 26 0.49 16.44 -19.47
CA PRO A 26 -0.83 15.82 -19.26
C PRO A 26 -1.81 16.25 -20.33
N THR A 27 -2.84 15.42 -20.53
CA THR A 27 -3.93 15.81 -21.42
C THR A 27 -5.14 16.14 -20.56
N PRO A 28 -5.64 17.37 -20.55
CA PRO A 28 -6.70 17.73 -19.60
C PRO A 28 -8.00 17.05 -19.98
N LEU A 29 -8.88 16.88 -18.99
CA LEU A 29 -10.20 16.30 -19.21
C LEU A 29 -11.16 17.44 -19.54
N ASN A 30 -12.44 17.14 -19.76
CA ASN A 30 -13.38 18.19 -20.10
C ASN A 30 -14.24 18.54 -18.89
N ASN A 31 -14.31 19.83 -18.57
CA ASN A 31 -14.92 20.33 -17.33
C ASN A 31 -14.41 19.55 -16.12
N ALA A 32 -13.08 19.48 -15.98
CA ALA A 32 -12.55 18.89 -14.76
C ALA A 32 -12.76 19.86 -13.60
N ARG A 33 -12.90 19.30 -12.41
CA ARG A 33 -13.05 20.12 -11.21
C ARG A 33 -12.56 19.35 -9.99
N LEU A 34 -11.94 20.08 -9.06
CA LEU A 34 -11.53 19.50 -7.78
C LEU A 34 -12.72 19.03 -6.96
N ILE A 35 -12.72 17.77 -6.53
CA ILE A 35 -13.77 17.32 -5.62
C ILE A 35 -13.24 16.99 -4.25
N TRP A 36 -11.95 16.76 -4.11
CA TRP A 36 -11.39 16.46 -2.79
C TRP A 36 -9.90 16.77 -2.85
N HIS A 37 -9.38 17.23 -1.72
CA HIS A 37 -7.94 17.31 -1.56
C HIS A 37 -7.61 17.09 -0.08
N ASN A 38 -6.39 16.62 0.13
CA ASN A 38 -5.92 16.17 1.44
C ASN A 38 -5.31 17.39 2.12
N ALA A 39 -6.15 18.10 2.92
CA ALA A 39 -5.74 19.39 3.52
C ALA A 39 -4.58 19.23 4.50
N GLU A 40 -4.58 18.15 5.29
CA GLU A 40 -3.50 17.88 6.22
C GLU A 40 -2.18 17.66 5.49
N LEU A 41 -2.22 16.86 4.43
CA LEU A 41 -0.98 16.57 3.74
C LEU A 41 -0.47 17.79 3.01
N ALA A 42 -1.38 18.60 2.48
CA ALA A 42 -0.96 19.82 1.84
C ALA A 42 -0.17 20.71 2.81
N ASN A 43 -0.64 20.84 4.05
CA ASN A 43 0.10 21.64 5.01
C ASN A 43 1.47 21.05 5.26
N THR A 44 1.54 19.72 5.34
CA THR A 44 2.86 19.09 5.53
C THR A 44 3.78 19.37 4.34
N LEU A 45 3.24 19.41 3.13
CA LEU A 45 4.09 19.65 1.96
C LEU A 45 4.32 21.13 1.65
N GLY A 46 3.78 22.04 2.46
CA GLY A 46 3.99 23.44 2.15
C GLY A 46 3.23 23.98 0.97
N ILE A 47 2.19 23.28 0.51
CA ILE A 47 1.39 23.73 -0.62
C ILE A 47 0.45 24.82 -0.15
N PRO A 48 0.49 25.99 -0.76
CA PRO A 48 -0.44 27.04 -0.38
C PRO A 48 -1.85 26.58 -0.66
N SER A 49 -2.72 26.88 0.30
CA SER A 49 -4.10 26.47 0.19
C SER A 49 -4.79 27.13 -1.02
N SER A 50 -4.34 28.32 -1.46
CA SER A 50 -4.98 28.98 -2.61
C SER A 50 -4.87 28.15 -3.90
N LEU A 51 -3.90 27.24 -3.99
CA LEU A 51 -3.75 26.40 -5.18
C LEU A 51 -4.94 25.47 -5.37
N PHE A 52 -5.75 25.27 -4.35
CA PHE A 52 -6.89 24.39 -4.46
C PHE A 52 -8.18 25.11 -4.81
N LYS A 53 -8.12 26.40 -5.17
CA LYS A 53 -9.37 27.12 -5.50
C LYS A 53 -9.48 27.58 -6.96
N ALA A 56 -9.59 23.40 -11.78
CA ALA A 56 -8.83 22.17 -11.60
C ALA A 56 -7.30 22.42 -11.56
N GLY A 57 -6.81 23.35 -12.38
CA GLY A 57 -5.41 23.75 -12.31
C GLY A 57 -4.44 22.59 -12.34
N VAL A 58 -3.48 22.57 -11.42
CA VAL A 58 -2.47 21.53 -11.53
C VAL A 58 -3.05 20.15 -11.19
N TRP A 59 -4.06 20.09 -10.32
CA TRP A 59 -4.65 18.81 -9.93
C TRP A 59 -5.37 18.10 -11.08
N GLY A 60 -5.76 18.83 -12.12
CA GLY A 60 -6.28 18.30 -13.35
C GLY A 60 -5.28 18.26 -14.48
N GLY A 61 -4.00 18.48 -14.20
CA GLY A 61 -3.02 18.57 -15.29
C GLY A 61 -3.27 19.66 -16.32
N GLU A 62 -3.81 20.80 -15.90
CA GLU A 62 -4.06 21.90 -16.81
C GLU A 62 -3.13 23.07 -16.57
N THR A 63 -2.19 22.95 -15.65
CA THR A 63 -1.27 24.02 -15.32
C THR A 63 -0.04 23.38 -14.73
N LEU A 64 1.12 23.97 -14.96
CA LEU A 64 2.33 23.48 -14.37
C LEU A 64 2.90 24.49 -13.37
N LEU A 65 3.44 24.00 -12.32
CA LEU A 65 4.04 24.90 -11.35
C LEU A 65 5.52 25.11 -11.69
N PRO A 66 6.09 26.25 -11.33
CA PRO A 66 7.49 26.51 -11.66
C PRO A 66 8.41 25.42 -11.13
N GLY A 67 9.30 24.93 -12.00
CA GLY A 67 10.24 23.87 -11.67
C GLY A 67 9.82 22.48 -12.10
N MSE A 68 8.56 22.28 -12.45
CA MSE A 68 8.11 20.93 -12.87
C MSE A 68 8.61 20.62 -14.28
O MSE A 68 8.70 21.56 -15.07
CB MSE A 68 6.58 20.88 -12.90
CG MSE A 68 5.92 20.99 -11.55
SE MSE A 68 4.03 20.59 -11.69
CE MSE A 68 3.52 19.71 -10.01
N SER A 69 8.95 19.35 -14.58
CA SER A 69 9.32 19.03 -15.96
C SER A 69 8.74 17.64 -16.22
N PRO A 70 7.50 17.56 -16.66
CA PRO A 70 6.76 16.28 -16.57
C PRO A 70 7.33 15.22 -17.49
N LEU A 71 7.38 13.98 -17.00
CA LEU A 71 7.86 12.92 -17.87
C LEU A 71 7.01 11.70 -17.56
N ALA A 72 7.02 10.72 -18.46
CA ALA A 72 6.44 9.42 -18.13
C ALA A 72 7.54 8.38 -18.12
N GLN A 73 7.64 7.63 -17.03
CA GLN A 73 8.69 6.63 -16.88
C GLN A 73 8.34 5.38 -17.68
N VAL A 74 9.41 4.71 -18.21
CA VAL A 74 9.32 3.38 -18.77
C VAL A 74 9.67 2.36 -17.69
N TYR A 75 8.99 1.23 -17.73
CA TYR A 75 9.35 0.06 -16.93
C TYR A 75 8.72 -1.17 -17.60
N SER A 76 9.06 -2.36 -17.08
CA SER A 76 8.43 -3.60 -17.54
C SER A 76 7.97 -4.40 -16.32
N GLY A 77 7.56 -5.66 -16.47
CA GLY A 77 7.13 -6.42 -15.29
C GLY A 77 6.76 -7.84 -15.66
N HIS A 78 6.75 -8.69 -14.64
CA HIS A 78 6.04 -9.97 -14.66
C HIS A 78 4.63 -9.73 -14.16
N GLN A 79 3.64 -10.19 -14.92
CA GLN A 79 2.24 -10.07 -14.54
C GLN A 79 1.65 -11.46 -14.34
N PHE A 80 1.28 -11.76 -13.10
CA PHE A 80 0.78 -13.06 -12.72
C PHE A 80 1.81 -14.13 -13.04
N GLY A 81 3.06 -13.83 -12.71
CA GLY A 81 4.11 -14.82 -12.89
C GLY A 81 4.64 -15.00 -14.30
N VAL A 82 4.17 -14.23 -15.29
CA VAL A 82 4.65 -14.43 -16.65
C VAL A 82 5.16 -13.10 -17.18
N TRP A 83 6.30 -13.16 -17.85
CA TRP A 83 6.98 -11.95 -18.31
C TRP A 83 6.08 -11.18 -19.27
N ALA A 84 5.82 -9.91 -18.99
CA ALA A 84 4.86 -9.18 -19.79
C ALA A 84 5.48 -8.22 -20.79
N GLY A 85 6.79 -8.03 -20.75
CA GLY A 85 7.41 -7.09 -21.65
C GLY A 85 7.23 -5.64 -21.20
N GLN A 86 7.33 -4.73 -22.15
CA GLN A 86 7.30 -3.32 -21.77
C GLN A 86 5.94 -2.91 -21.20
N LEU A 87 5.98 -2.21 -20.06
CA LEU A 87 4.81 -1.57 -19.47
C LEU A 87 5.06 -0.06 -19.42
N GLY A 88 5.21 0.52 -18.23
CA GLY A 88 5.55 1.92 -18.12
C GLY A 88 4.39 2.75 -17.61
N ASP A 89 4.65 4.06 -17.48
CA ASP A 89 3.64 4.97 -16.97
C ASP A 89 2.63 5.14 -18.11
N GLY A 90 1.71 4.17 -18.26
CA GLY A 90 0.78 4.20 -19.38
C GLY A 90 -0.43 5.10 -19.18
N ARG A 91 -0.69 5.51 -17.94
CA ARG A 91 -1.77 6.46 -17.70
C ARG A 91 -1.42 7.42 -16.58
N GLY A 92 -0.13 7.67 -16.37
CA GLY A 92 0.29 8.62 -15.36
C GLY A 92 1.56 9.34 -15.76
N ILE A 93 1.84 10.43 -15.05
CA ILE A 93 2.94 11.33 -15.39
C ILE A 93 3.61 11.81 -14.10
N LEU A 94 4.94 11.72 -14.06
CA LEU A 94 5.69 12.31 -12.93
C LEU A 94 5.83 13.80 -13.24
N LEU A 95 5.00 14.65 -12.61
CA LEU A 95 5.03 16.11 -12.88
C LEU A 95 6.37 16.70 -12.45
N GLY A 96 6.90 16.21 -11.34
CA GLY A 96 8.19 16.70 -10.80
C GLY A 96 8.47 16.11 -9.43
N GLU A 97 9.63 16.42 -8.86
CA GLU A 97 10.01 15.88 -7.55
C GLU A 97 10.20 17.08 -6.62
N GLN A 98 9.41 17.11 -5.56
CA GLN A 98 9.45 18.27 -4.64
C GLN A 98 10.42 18.01 -3.48
N ARG A 99 11.34 18.93 -3.23
CA ARG A 99 12.26 18.76 -2.09
C ARG A 99 11.64 19.45 -0.87
N LEU A 100 11.56 18.73 0.26
CA LEU A 100 10.98 19.31 1.50
C LEU A 100 12.12 19.79 2.40
N ALA A 101 11.77 20.56 3.43
CA ALA A 101 12.77 21.09 4.37
C ALA A 101 13.48 19.98 5.13
N ASP A 102 12.79 18.87 5.38
CA ASP A 102 13.37 17.62 5.86
C ASP A 102 14.54 17.10 5.01
N GLY A 103 14.75 17.62 3.80
CA GLY A 103 15.67 16.98 2.88
C GLY A 103 15.09 15.80 2.11
N THR A 104 13.87 15.36 2.46
CA THR A 104 13.14 14.36 1.69
C THR A 104 12.70 14.92 0.35
N THR A 105 12.61 14.06 -0.64
CA THR A 105 11.91 14.47 -1.85
C THR A 105 10.61 13.69 -2.00
N MSE A 106 9.66 14.35 -2.66
CA MSE A 106 8.37 13.72 -2.82
C MSE A 106 7.96 13.84 -4.30
O MSE A 106 7.89 14.97 -4.83
CB MSE A 106 7.40 14.41 -1.93
CG MSE A 106 6.27 13.69 -1.50
SE MSE A 106 6.62 12.13 -0.34
CE MSE A 106 8.26 12.43 0.64
N ASP A 107 7.77 12.69 -4.98
CA ASP A 107 7.28 12.70 -6.36
C ASP A 107 5.84 13.19 -6.36
N TRP A 108 5.50 14.04 -7.31
CA TRP A 108 4.12 14.36 -7.61
C TRP A 108 3.75 13.61 -8.89
N HIS A 109 2.94 12.55 -8.77
CA HIS A 109 2.58 11.72 -9.93
C HIS A 109 1.07 11.85 -10.19
N LEU A 110 0.70 12.28 -11.38
CA LEU A 110 -0.70 12.48 -11.75
C LEU A 110 -1.26 11.25 -12.46
N LYS A 111 -2.17 10.54 -11.81
CA LYS A 111 -2.70 9.29 -12.33
C LYS A 111 -4.02 9.56 -13.05
N GLY A 112 -4.13 9.05 -14.27
CA GLY A 112 -5.18 9.47 -15.18
C GLY A 112 -4.83 10.61 -16.11
N ALA A 113 -3.53 10.83 -16.42
CA ALA A 113 -3.10 12.07 -17.07
C ALA A 113 -3.27 12.09 -18.58
N GLY A 114 -3.74 11.02 -19.19
CA GLY A 114 -3.85 10.99 -20.65
C GLY A 114 -2.94 9.94 -21.24
N LEU A 115 -3.01 9.84 -22.57
CA LEU A 115 -2.22 8.85 -23.28
C LEU A 115 -0.74 9.18 -23.19
N THR A 116 0.06 8.13 -23.21
CA THR A 116 1.50 8.14 -23.04
C THR A 116 2.09 7.18 -24.07
N PRO A 117 3.38 7.30 -24.39
CA PRO A 117 4.00 6.29 -25.27
C PRO A 117 3.93 4.89 -24.68
N TYR A 118 3.52 4.77 -23.41
CA TYR A 118 3.47 3.50 -22.70
C TYR A 118 2.04 2.99 -22.48
N SER A 119 1.02 3.64 -23.07
CA SER A 119 -0.37 3.23 -22.86
C SER A 119 -0.78 1.94 -23.59
N ARG A 120 0.07 1.45 -24.49
CA ARG A 120 -0.29 0.24 -25.27
C ARG A 120 -1.68 0.48 -25.88
N MSE A 121 -2.66 -0.38 -25.58
CA MSE A 121 -4.00 -0.17 -26.17
C MSE A 121 -4.94 0.51 -25.16
O MSE A 121 -6.15 0.51 -25.39
CB MSE A 121 -4.59 -1.49 -26.67
CG MSE A 121 -3.88 -2.07 -27.88
SE MSE A 121 -3.78 -0.82 -29.39
CE MSE A 121 -1.89 -0.62 -29.85
N GLY A 122 -4.38 1.10 -24.10
CA GLY A 122 -5.18 1.76 -23.05
C GLY A 122 -5.56 3.18 -23.40
N ASP A 123 -6.59 3.72 -22.75
CA ASP A 123 -7.06 5.07 -23.04
C ASP A 123 -6.28 6.15 -22.29
N GLY A 124 -5.39 5.77 -21.36
CA GLY A 124 -4.62 6.74 -20.61
C GLY A 124 -5.37 7.39 -19.47
N ARG A 125 -6.50 6.83 -19.07
CA ARG A 125 -7.42 7.51 -18.17
C ARG A 125 -7.71 6.64 -16.97
N ALA A 126 -8.08 7.30 -15.88
CA ALA A 126 -8.58 6.59 -14.72
C ALA A 126 -10.02 7.00 -14.52
N VAL A 127 -10.76 6.23 -13.71
CA VAL A 127 -12.17 6.48 -13.51
C VAL A 127 -12.40 6.92 -12.06
N LEU A 128 -13.50 7.63 -11.85
CA LEU A 128 -13.82 8.15 -10.53
C LEU A 128 -13.75 7.08 -9.44
N ARG A 129 -14.37 5.91 -9.68
CA ARG A 129 -14.42 4.91 -8.62
C ARG A 129 -13.03 4.40 -8.26
N SER A 130 -12.13 4.21 -9.23
CA SER A 130 -10.81 3.71 -8.83
C SER A 130 -9.97 4.79 -8.14
N THR A 131 -10.12 6.07 -8.51
CA THR A 131 -9.37 7.12 -7.83
C THR A 131 -9.89 7.35 -6.41
N ILE A 132 -11.21 7.22 -6.21
CA ILE A 132 -11.73 7.33 -4.84
C ILE A 132 -11.20 6.18 -4.01
N ARG A 133 -11.29 4.95 -4.54
CA ARG A 133 -10.82 3.81 -3.77
C ARG A 133 -9.33 3.94 -3.45
N GLU A 134 -8.53 4.41 -4.40
CA GLU A 134 -7.09 4.50 -4.13
C GLU A 134 -6.78 5.60 -3.13
N SER A 135 -7.51 6.72 -3.17
CA SER A 135 -7.25 7.76 -2.17
C SER A 135 -7.57 7.26 -0.77
N LEU A 136 -8.71 6.57 -0.61
CA LEU A 136 -9.12 6.05 0.68
C LEU A 136 -8.16 4.98 1.18
N ALA A 137 -7.77 4.05 0.31
CA ALA A 137 -6.85 2.99 0.72
C ALA A 137 -5.50 3.57 1.13
N SER A 138 -4.94 4.47 0.34
CA SER A 138 -3.57 4.91 0.68
C SER A 138 -3.55 5.79 1.95
N GLU A 139 -4.58 6.60 2.19
CA GLU A 139 -4.67 7.35 3.44
C GLU A 139 -4.98 6.44 4.61
N ALA A 140 -5.87 5.43 4.42
CA ALA A 140 -6.12 4.48 5.51
C ALA A 140 -4.82 3.79 5.93
N MSE A 141 -4.08 3.26 4.94
CA MSE A 141 -2.79 2.59 5.20
C MSE A 141 -1.85 3.48 5.94
O MSE A 141 -1.22 3.05 6.90
CB MSE A 141 -2.03 2.09 3.93
CG MSE A 141 -2.84 1.07 3.23
SE MSE A 141 -2.60 -0.63 4.32
CE MSE A 141 -0.91 -1.22 3.87
N HIS A 142 -1.77 4.74 5.50
CA HIS A 142 -0.84 5.67 6.16
C HIS A 142 -1.19 5.86 7.63
N TYR A 143 -2.50 5.98 7.95
CA TYR A 143 -2.81 6.18 9.35
C TYR A 143 -2.73 4.90 10.16
N LEU A 144 -2.75 3.73 9.52
CA LEU A 144 -2.47 2.48 10.21
C LEU A 144 -0.97 2.35 10.51
N GLY A 145 -0.15 3.27 10.01
CA GLY A 145 1.28 3.22 10.21
C GLY A 145 2.04 2.31 9.26
N ILE A 146 1.47 2.00 8.10
CA ILE A 146 2.10 1.11 7.12
C ILE A 146 2.58 1.97 5.97
N PRO A 147 3.80 1.75 5.47
CA PRO A 147 4.33 2.51 4.33
C PRO A 147 3.45 2.44 3.11
N THR A 148 3.28 3.59 2.46
CA THR A 148 2.36 3.66 1.34
C THR A 148 2.62 4.92 0.54
N THR A 149 2.23 4.89 -0.73
CA THR A 149 2.02 6.16 -1.43
C THR A 149 0.83 6.92 -0.78
N ARG A 150 0.78 8.23 -1.05
CA ARG A 150 -0.21 9.11 -0.41
C ARG A 150 -1.16 9.74 -1.44
N ALA A 151 -2.32 10.17 -0.99
CA ALA A 151 -3.27 10.79 -1.93
C ALA A 151 -3.40 12.27 -1.55
N LEU A 152 -3.19 13.14 -2.54
CA LEU A 152 -3.26 14.59 -2.35
C LEU A 152 -4.52 15.23 -2.93
N SER A 153 -5.03 14.72 -4.06
CA SER A 153 -6.19 15.38 -4.65
C SER A 153 -6.92 14.43 -5.62
N ILE A 154 -8.21 14.68 -5.81
CA ILE A 154 -8.99 14.01 -6.84
C ILE A 154 -9.76 15.07 -7.63
N VAL A 155 -9.73 14.95 -8.96
CA VAL A 155 -10.61 15.73 -9.83
C VAL A 155 -11.45 14.75 -10.65
N THR A 156 -12.72 15.08 -10.81
CA THR A 156 -13.59 14.38 -11.74
C THR A 156 -13.85 15.30 -12.95
N SER A 157 -14.63 14.81 -13.90
CA SER A 157 -14.81 15.53 -15.14
C SER A 157 -16.13 15.07 -15.77
N ASP A 158 -16.48 15.66 -16.92
CA ASP A 158 -17.60 15.19 -17.71
C ASP A 158 -17.12 14.30 -18.85
N SER A 159 -15.88 13.81 -18.78
CA SER A 159 -15.30 13.11 -19.93
C SER A 159 -15.59 11.62 -19.81
N PRO A 160 -16.33 11.05 -20.75
CA PRO A 160 -16.69 9.64 -20.63
C PRO A 160 -15.44 8.79 -20.76
N VAL A 161 -15.36 7.78 -19.91
CA VAL A 161 -14.30 6.79 -19.92
C VAL A 161 -15.01 5.45 -19.78
N TYR A 162 -14.72 4.52 -20.67
CA TYR A 162 -15.51 3.29 -20.79
C TYR A 162 -14.74 2.14 -20.18
N ARG A 163 -15.35 1.53 -19.17
CA ARG A 163 -14.86 0.29 -18.57
C ARG A 163 -15.95 -0.72 -18.86
N GLU A 164 -16.46 -1.43 -17.85
CA GLU A 164 -17.61 -2.26 -18.18
C GLU A 164 -18.85 -1.41 -18.37
N THR A 165 -18.90 -0.20 -17.81
CA THR A 165 -19.91 0.80 -18.13
C THR A 165 -19.19 2.13 -18.37
N VAL A 166 -19.91 3.12 -18.92
CA VAL A 166 -19.34 4.46 -19.05
C VAL A 166 -19.18 5.07 -17.65
N GLU A 167 -17.99 5.59 -17.36
CA GLU A 167 -17.61 6.16 -16.08
C GLU A 167 -17.13 7.59 -16.28
N PRO A 168 -17.16 8.42 -15.24
CA PRO A 168 -16.55 9.75 -15.37
C PRO A 168 -15.03 9.64 -15.28
N GLY A 169 -14.34 10.27 -16.23
CA GLY A 169 -12.89 10.37 -16.14
C GLY A 169 -12.46 11.17 -14.91
N ALA A 170 -11.40 10.69 -14.26
CA ALA A 170 -10.94 11.36 -13.05
C ALA A 170 -9.41 11.30 -12.99
N MSE A 171 -8.82 12.16 -12.15
CA MSE A 171 -7.38 12.02 -11.86
C MSE A 171 -7.07 12.16 -10.38
O MSE A 171 -7.70 12.92 -9.64
CB MSE A 171 -6.44 12.96 -12.62
CG MSE A 171 -6.64 13.11 -14.10
SE MSE A 171 -5.74 14.67 -14.77
CE MSE A 171 -4.15 14.10 -15.19
N LEU A 172 -6.09 11.34 -9.97
CA LEU A 172 -5.55 11.32 -8.61
C LEU A 172 -4.14 11.90 -8.60
N MSE A 173 -3.88 12.88 -7.74
CA MSE A 173 -2.53 13.38 -7.60
C MSE A 173 -1.91 12.50 -6.47
O MSE A 173 -2.32 12.58 -5.31
CB MSE A 173 -2.51 14.86 -7.28
CG MSE A 173 -1.08 15.52 -7.14
SE MSE A 173 -0.04 15.45 -8.84
CE MSE A 173 -1.14 16.73 -10.05
N ARG A 174 -1.00 11.60 -6.85
CA ARG A 174 -0.35 10.67 -5.94
C ARG A 174 1.00 11.26 -5.53
N VAL A 175 1.36 11.11 -4.26
CA VAL A 175 2.60 11.64 -3.75
C VAL A 175 3.38 10.51 -3.09
N ALA A 176 4.65 10.33 -3.45
CA ALA A 176 5.44 9.28 -2.83
C ALA A 176 6.91 9.64 -2.86
N PRO A 177 7.70 9.12 -1.93
CA PRO A 177 9.14 9.37 -1.95
C PRO A 177 9.79 8.96 -3.25
N SER A 178 9.32 7.86 -3.84
CA SER A 178 9.83 7.44 -5.15
C SER A 178 8.83 6.50 -5.82
N HIS A 179 8.90 6.43 -7.15
CA HIS A 179 8.06 5.48 -7.87
C HIS A 179 8.88 4.36 -8.47
N LEU A 180 10.11 4.18 -8.00
CA LEU A 180 10.94 3.06 -8.42
C LEU A 180 10.24 1.76 -8.11
N ARG A 181 10.16 0.87 -9.09
CA ARG A 181 9.56 -0.45 -8.94
C ARG A 181 10.58 -1.53 -9.25
N PHE A 182 10.32 -2.76 -8.77
CA PHE A 182 11.12 -3.87 -9.24
C PHE A 182 11.10 -3.90 -10.76
N GLY A 183 9.99 -3.53 -11.39
CA GLY A 183 9.95 -3.62 -12.85
C GLY A 183 10.90 -2.67 -13.57
N HIS A 184 11.37 -1.59 -12.91
CA HIS A 184 12.34 -0.70 -13.57
C HIS A 184 13.62 -1.44 -13.85
N PHE A 185 14.09 -2.20 -12.87
CA PHE A 185 15.30 -2.98 -13.01
C PHE A 185 15.09 -4.08 -14.05
N GLU A 186 13.99 -4.82 -13.94
CA GLU A 186 13.66 -5.85 -14.92
C GLU A 186 13.69 -5.30 -16.33
N HIS A 187 13.08 -4.14 -16.54
CA HIS A 187 13.05 -3.52 -17.86
C HIS A 187 14.43 -3.48 -18.51
N PHE A 188 15.42 -2.92 -17.83
CA PHE A 188 16.71 -2.82 -18.51
C PHE A 188 17.45 -4.14 -18.51
N TYR A 189 17.20 -5.00 -17.52
CA TYR A 189 17.91 -6.29 -17.49
C TYR A 189 17.58 -7.15 -18.72
N TYR A 190 16.29 -7.25 -19.05
CA TYR A 190 15.83 -8.08 -20.13
C TYR A 190 15.96 -7.42 -21.49
N ARG A 191 16.27 -6.13 -21.52
CA ARG A 191 16.73 -5.46 -22.72
C ARG A 191 18.22 -5.65 -22.93
N ARG A 192 18.87 -6.28 -21.96
CA ARG A 192 20.33 -6.53 -22.02
C ARG A 192 21.11 -5.21 -21.91
N GLU A 193 20.70 -4.33 -20.99
CA GLU A 193 21.44 -3.11 -20.74
C GLU A 193 21.83 -3.13 -19.27
N PRO A 194 22.74 -4.02 -18.88
CA PRO A 194 23.09 -4.14 -17.46
C PRO A 194 23.65 -2.86 -16.87
N GLU A 195 24.30 -2.02 -17.68
CA GLU A 195 24.79 -0.73 -17.20
C GLU A 195 23.64 0.13 -16.68
N LYS A 196 22.51 0.12 -17.38
CA LYS A 196 21.35 0.90 -16.96
C LYS A 196 20.78 0.38 -15.67
N VAL A 197 20.81 -0.96 -15.51
CA VAL A 197 20.42 -1.57 -14.25
C VAL A 197 21.26 -1.01 -13.11
N ARG A 198 22.58 -1.01 -13.30
CA ARG A 198 23.43 -0.51 -12.24
C ARG A 198 23.24 1.01 -12.04
N GLN A 199 22.99 1.75 -13.12
CA GLN A 199 22.67 3.19 -12.98
C GLN A 199 21.48 3.39 -12.05
N LEU A 200 20.46 2.55 -12.16
CA LEU A 200 19.29 2.69 -11.31
C LEU A 200 19.64 2.36 -9.86
N ALA A 201 20.48 1.35 -9.65
CA ALA A 201 20.86 0.96 -8.30
C ALA A 201 21.65 2.08 -7.62
N ASP A 202 22.64 2.64 -8.33
CA ASP A 202 23.43 3.73 -7.80
C ASP A 202 22.56 4.96 -7.50
N PHE A 203 21.60 5.25 -8.37
CA PHE A 203 20.67 6.36 -8.13
C PHE A 203 19.86 6.10 -6.87
N ALA A 204 19.30 4.88 -6.74
CA ALA A 204 18.54 4.57 -5.53
C ALA A 204 19.39 4.70 -4.30
N ILE A 205 20.63 4.20 -4.34
CA ILE A 205 21.49 4.24 -3.13
C ILE A 205 21.88 5.69 -2.79
N ARG A 206 22.20 6.48 -3.81
CA ARG A 206 22.62 7.89 -3.63
C ARG A 206 21.52 8.70 -2.93
N HIS A 207 20.28 8.56 -3.40
CA HIS A 207 19.14 9.37 -2.91
C HIS A 207 18.35 8.73 -1.75
N TYR A 208 18.40 7.41 -1.55
CA TYR A 208 17.57 6.82 -0.49
C TYR A 208 18.34 5.94 0.49
N TRP A 209 19.60 5.60 0.22
CA TRP A 209 20.44 4.92 1.18
C TRP A 209 21.82 5.60 1.25
N SER A 210 21.82 6.93 1.46
CA SER A 210 23.08 7.67 1.35
C SER A 210 24.09 7.36 2.45
N HIS A 211 23.68 6.71 3.55
CA HIS A 211 24.62 6.29 4.58
C HIS A 211 25.49 5.13 4.12
N LEU A 212 25.16 4.51 2.99
CA LEU A 212 26.03 3.46 2.50
C LEU A 212 27.18 4.13 1.79
N ALA A 213 28.41 3.80 2.22
CA ALA A 213 29.62 4.37 1.62
C ALA A 213 29.92 3.65 0.33
N ASP A 214 30.30 4.42 -0.69
CA ASP A 214 30.20 4.01 -2.08
C ASP A 214 31.17 2.87 -2.41
N ASP A 215 30.58 1.71 -2.69
CA ASP A 215 31.14 0.39 -3.04
C ASP A 215 31.77 -0.38 -1.89
N GLU A 216 31.85 0.15 -0.67
CA GLU A 216 32.30 -0.75 0.39
C GLU A 216 31.07 -1.55 0.82
N ASP A 217 30.84 -2.64 0.06
CA ASP A 217 29.73 -3.58 0.17
C ASP A 217 28.37 -2.98 -0.18
N LYS A 218 28.33 -1.77 -0.77
CA LYS A 218 27.08 -1.02 -0.88
C LYS A 218 25.98 -1.86 -1.48
N TYR A 219 26.29 -2.69 -2.49
CA TYR A 219 25.22 -3.37 -3.20
C TYR A 219 24.61 -4.49 -2.36
N ARG A 220 25.43 -5.25 -1.66
CA ARG A 220 24.91 -6.31 -0.82
C ARG A 220 24.04 -5.75 0.30
N LEU A 221 24.53 -4.69 0.95
CA LEU A 221 23.82 -4.10 2.07
C LEU A 221 22.53 -3.44 1.60
N TRP A 222 22.58 -2.74 0.47
CA TRP A 222 21.36 -2.15 -0.09
C TRP A 222 20.30 -3.23 -0.43
N PHE A 223 20.67 -4.26 -1.21
CA PHE A 223 19.68 -5.29 -1.53
C PHE A 223 19.21 -6.00 -0.28
N THR A 224 20.12 -6.22 0.68
CA THR A 224 19.66 -6.81 1.93
C THR A 224 18.59 -5.96 2.60
N ASP A 225 18.69 -4.63 2.49
CA ASP A 225 17.67 -3.76 3.08
C ASP A 225 16.40 -3.77 2.26
N VAL A 226 16.54 -3.90 0.95
CA VAL A 226 15.39 -3.99 0.06
C VAL A 226 14.55 -5.20 0.42
N VAL A 227 15.20 -6.34 0.60
CA VAL A 227 14.48 -7.53 1.04
C VAL A 227 13.77 -7.27 2.37
N ALA A 228 14.51 -6.79 3.37
CA ALA A 228 13.96 -6.52 4.69
C ALA A 228 12.75 -5.59 4.65
N ARG A 229 12.78 -4.57 3.80
CA ARG A 229 11.66 -3.65 3.71
C ARG A 229 10.45 -4.27 3.04
N THR A 230 10.66 -5.19 2.10
CA THR A 230 9.51 -5.85 1.51
C THR A 230 8.93 -6.88 2.48
N ALA A 231 9.82 -7.59 3.22
CA ALA A 231 9.32 -8.54 4.21
C ALA A 231 8.50 -7.84 5.29
N SER A 232 8.98 -6.68 5.73
CA SER A 232 8.30 -5.94 6.80
C SER A 232 6.98 -5.40 6.28
N LEU A 233 6.95 -4.95 5.03
CA LEU A 233 5.72 -4.50 4.41
C LEU A 233 4.68 -5.62 4.39
N ILE A 234 5.05 -6.81 3.90
CA ILE A 234 4.12 -7.95 3.85
C ILE A 234 3.67 -8.32 5.27
N ALA A 235 4.59 -8.38 6.22
CA ALA A 235 4.19 -8.71 7.59
C ALA A 235 3.09 -7.76 8.05
N GLN A 236 3.17 -6.48 7.66
CA GLN A 236 2.22 -5.52 8.17
C GLN A 236 0.86 -5.68 7.50
N TRP A 237 0.85 -5.91 6.18
CA TRP A 237 -0.38 -6.26 5.47
C TRP A 237 -1.08 -7.46 6.11
N GLN A 238 -0.31 -8.49 6.46
CA GLN A 238 -0.95 -9.70 6.96
C GLN A 238 -1.65 -9.43 8.28
N THR A 239 -1.01 -8.62 9.10
CA THR A 239 -1.44 -8.34 10.46
C THR A 239 -2.76 -7.57 10.47
N VAL A 240 -2.94 -6.64 9.53
CA VAL A 240 -4.18 -5.90 9.50
C VAL A 240 -5.17 -6.50 8.52
N GLY A 241 -4.81 -7.59 7.84
CA GLY A 241 -5.73 -8.20 6.90
C GLY A 241 -5.92 -7.40 5.63
N PHE A 242 -4.82 -6.98 5.00
CA PHE A 242 -4.88 -6.29 3.72
C PHE A 242 -4.42 -7.22 2.60
N ALA A 243 -5.22 -7.35 1.54
CA ALA A 243 -4.85 -8.13 0.38
C ALA A 243 -4.67 -7.18 -0.80
N HIS A 244 -3.45 -7.10 -1.32
CA HIS A 244 -3.14 -6.19 -2.43
C HIS A 244 -3.90 -6.59 -3.71
N GLY A 245 -3.77 -7.86 -4.12
CA GLY A 245 -4.51 -8.38 -5.26
C GLY A 245 -3.80 -8.33 -6.59
N VAL A 246 -2.80 -7.47 -6.76
CA VAL A 246 -2.09 -7.40 -8.05
C VAL A 246 -0.62 -7.21 -7.77
N MSE A 247 0.00 -8.17 -7.09
CA MSE A 247 1.41 -8.01 -6.78
C MSE A 247 2.32 -8.40 -7.93
O MSE A 247 3.27 -9.20 -7.76
CB MSE A 247 1.83 -8.73 -5.49
CG MSE A 247 0.96 -8.48 -4.26
SE MSE A 247 1.07 -9.79 -2.83
CE MSE A 247 2.95 -9.83 -2.45
N ASN A 248 2.07 -7.78 -9.07
CA ASN A 248 2.97 -7.95 -10.20
C ASN A 248 4.28 -7.24 -9.87
N THR A 249 5.37 -7.63 -10.55
CA THR A 249 6.63 -6.98 -10.19
C THR A 249 6.68 -5.52 -10.58
N ASP A 250 5.87 -5.05 -11.54
CA ASP A 250 5.85 -3.59 -11.75
C ASP A 250 5.11 -2.81 -10.64
N ASN A 251 4.37 -3.49 -9.76
CA ASN A 251 3.67 -2.83 -8.66
C ASN A 251 4.41 -3.03 -7.34
N MSE A 252 5.64 -3.53 -7.38
CA MSE A 252 6.41 -3.64 -6.15
C MSE A 252 7.32 -2.43 -6.04
O MSE A 252 8.15 -2.21 -6.90
CB MSE A 252 7.24 -4.94 -6.07
CG MSE A 252 6.37 -6.20 -6.18
SE MSE A 252 5.42 -6.58 -4.46
CE MSE A 252 7.06 -6.94 -3.43
N SER A 253 7.20 -1.70 -4.93
CA SER A 253 8.03 -0.52 -4.69
C SER A 253 9.40 -0.95 -4.15
N LEU A 254 10.45 -0.42 -4.76
CA LEU A 254 11.81 -0.68 -4.30
C LEU A 254 11.98 -0.30 -2.83
N LEU A 255 11.37 0.80 -2.39
CA LEU A 255 11.50 1.27 -1.00
C LEU A 255 10.67 0.47 0.00
N GLY A 256 9.74 -0.34 -0.46
CA GLY A 256 8.87 -1.06 0.46
C GLY A 256 7.60 -0.34 0.80
N LEU A 257 7.12 0.53 -0.08
CA LEU A 257 5.84 1.23 0.05
C LEU A 257 4.72 0.41 -0.58
N THR A 258 3.54 0.47 0.02
CA THR A 258 2.38 -0.06 -0.68
C THR A 258 2.17 0.75 -1.95
N LEU A 259 2.06 0.09 -3.10
CA LEU A 259 2.01 0.79 -4.37
C LEU A 259 0.93 0.20 -5.28
N ASP A 260 0.12 1.08 -5.91
CA ASP A 260 -0.92 0.74 -6.88
C ASP A 260 -2.10 0.02 -6.22
N TYR A 261 -3.09 0.80 -5.80
CA TYR A 261 -4.33 0.28 -5.23
C TYR A 261 -5.34 0.12 -6.36
N GLY A 262 -5.68 -1.13 -6.69
CA GLY A 262 -6.67 -1.49 -7.69
C GLY A 262 -7.75 -2.34 -7.02
N PRO A 263 -7.83 -3.61 -7.38
CA PRO A 263 -8.78 -4.52 -6.73
C PRO A 263 -8.28 -5.03 -5.37
N PHE A 264 -7.80 -4.09 -4.53
CA PHE A 264 -7.42 -4.47 -3.15
C PHE A 264 -8.66 -4.82 -2.31
N GLY A 265 -8.37 -5.36 -1.12
CA GLY A 265 -9.40 -5.76 -0.18
C GLY A 265 -8.80 -5.88 1.20
N PHE A 266 -9.40 -5.17 2.14
CA PHE A 266 -9.20 -5.44 3.56
C PHE A 266 -10.17 -6.56 3.93
N LEU A 267 -9.68 -7.59 4.61
CA LEU A 267 -10.53 -8.70 4.98
C LEU A 267 -11.73 -8.23 5.80
N ASP A 268 -12.92 -8.72 5.45
CA ASP A 268 -14.04 -8.70 6.38
C ASP A 268 -14.00 -10.02 7.15
N ASP A 269 -14.73 -11.02 6.70
CA ASP A 269 -14.61 -12.33 7.32
C ASP A 269 -13.19 -12.85 7.14
N TYR A 270 -12.60 -13.34 8.23
CA TYR A 270 -11.29 -13.98 8.13
C TYR A 270 -11.31 -15.19 7.20
N GLU A 271 -10.60 -15.09 6.08
CA GLU A 271 -10.41 -16.24 5.19
C GLU A 271 -9.05 -16.13 4.52
N PRO A 272 -8.07 -16.95 4.93
CA PRO A 272 -6.73 -16.89 4.34
C PRO A 272 -6.71 -16.89 2.82
N GLY A 273 -7.60 -17.65 2.18
CA GLY A 273 -7.61 -17.72 0.72
C GLY A 273 -8.47 -16.67 0.04
N PHE A 274 -8.77 -15.60 0.75
CA PHE A 274 -9.50 -14.44 0.24
C PHE A 274 -8.89 -13.95 -1.07
N ILE A 275 -9.73 -13.88 -2.10
CA ILE A 275 -9.38 -13.30 -3.40
C ILE A 275 -10.29 -12.11 -3.61
N CYS A 276 -9.73 -10.92 -3.71
CA CYS A 276 -10.58 -9.79 -4.07
C CYS A 276 -10.46 -9.41 -5.54
N ASN A 277 -9.37 -9.77 -6.20
CA ASN A 277 -9.19 -9.54 -7.62
C ASN A 277 -9.92 -10.64 -8.39
N HIS A 278 -11.07 -10.32 -9.00
CA HIS A 278 -11.86 -11.34 -9.70
C HIS A 278 -11.32 -11.67 -11.09
N SER A 279 -10.18 -11.08 -11.49
CA SER A 279 -9.44 -11.50 -12.66
C SER A 279 -8.33 -12.51 -12.32
N ASP A 280 -8.01 -12.69 -11.03
CA ASP A 280 -6.99 -13.62 -10.54
C ASP A 280 -7.61 -15.02 -10.36
N HIS A 281 -7.69 -15.76 -11.47
CA HIS A 281 -8.42 -17.02 -11.50
C HIS A 281 -7.71 -18.16 -10.77
N GLN A 282 -6.39 -18.10 -10.64
CA GLN A 282 -5.67 -19.15 -9.92
C GLN A 282 -5.43 -18.79 -8.45
N GLY A 283 -6.01 -17.70 -7.97
CA GLY A 283 -5.77 -17.29 -6.61
C GLY A 283 -4.31 -16.98 -6.32
N ARG A 284 -3.56 -16.53 -7.33
CA ARG A 284 -2.13 -16.27 -7.13
C ARG A 284 -1.91 -15.22 -6.04
N TYR A 285 -2.76 -14.21 -6.01
CA TYR A 285 -2.62 -13.12 -5.06
C TYR A 285 -3.64 -13.21 -3.93
N SER A 286 -4.06 -14.43 -3.56
CA SER A 286 -4.89 -14.55 -2.39
C SER A 286 -4.10 -14.05 -1.18
N PHE A 287 -4.83 -13.65 -0.15
CA PHE A 287 -4.24 -13.09 1.08
C PHE A 287 -3.13 -13.98 1.61
N ASP A 288 -3.41 -15.29 1.72
CA ASP A 288 -2.41 -16.17 2.31
C ASP A 288 -1.20 -16.44 1.41
N ASN A 289 -1.22 -16.04 0.13
CA ASN A 289 -0.02 -16.21 -0.67
C ASN A 289 0.89 -15.01 -0.69
N GLN A 290 0.47 -13.87 -0.17
CA GLN A 290 1.30 -12.67 -0.23
C GLN A 290 2.71 -12.87 0.32
N PRO A 291 2.94 -13.58 1.43
CA PRO A 291 4.33 -13.82 1.83
C PRO A 291 5.14 -14.54 0.77
N ALA A 292 4.60 -15.63 0.23
CA ALA A 292 5.36 -16.33 -0.79
C ALA A 292 5.51 -15.48 -2.06
N VAL A 293 4.44 -14.81 -2.51
CA VAL A 293 4.53 -14.03 -3.75
C VAL A 293 5.59 -12.94 -3.63
N ALA A 294 5.69 -12.28 -2.45
CA ALA A 294 6.64 -11.18 -2.35
C ALA A 294 8.07 -11.70 -2.42
N LEU A 295 8.32 -12.89 -1.87
CA LEU A 295 9.62 -13.55 -2.06
C LEU A 295 9.90 -13.88 -3.53
N TRP A 296 8.90 -14.42 -4.24
CA TRP A 296 9.08 -14.71 -5.65
C TRP A 296 9.45 -13.43 -6.42
N ASN A 297 8.81 -12.31 -6.06
CA ASN A 297 9.08 -11.02 -6.69
C ASN A 297 10.49 -10.54 -6.39
N LEU A 298 10.96 -10.71 -5.15
CA LEU A 298 12.32 -10.34 -4.80
C LEU A 298 13.32 -11.17 -5.56
N GLN A 299 13.02 -12.46 -5.77
CA GLN A 299 13.91 -13.27 -6.57
C GLN A 299 13.97 -12.76 -8.00
N ARG A 300 12.87 -12.25 -8.53
CA ARG A 300 12.90 -11.66 -9.88
C ARG A 300 13.76 -10.40 -9.89
N LEU A 301 13.66 -9.57 -8.84
CA LEU A 301 14.55 -8.41 -8.71
C LEU A 301 16.00 -8.86 -8.57
N ALA A 302 16.24 -9.92 -7.78
CA ALA A 302 17.60 -10.39 -7.59
C ALA A 302 18.21 -10.82 -8.93
N GLN A 303 17.37 -11.35 -9.83
CA GLN A 303 17.82 -11.77 -11.16
C GLN A 303 18.49 -10.61 -11.93
N THR A 304 18.00 -9.41 -11.75
CA THR A 304 18.49 -8.27 -12.54
C THR A 304 19.84 -7.76 -12.06
N LEU A 305 20.19 -8.03 -10.82
CA LEU A 305 21.41 -7.56 -10.20
C LEU A 305 22.57 -8.52 -10.30
N SER A 306 22.34 -9.76 -10.74
CA SER A 306 23.43 -10.72 -10.88
C SER A 306 24.57 -10.25 -11.80
N PRO A 307 24.36 -9.38 -12.80
CA PRO A 307 25.52 -8.87 -13.56
C PRO A 307 26.58 -8.16 -12.73
N PHE A 308 26.23 -7.49 -11.66
CA PHE A 308 27.22 -6.70 -10.92
C PHE A 308 27.17 -6.94 -9.41
N VAL A 309 26.33 -7.86 -8.92
CA VAL A 309 26.33 -8.31 -7.54
C VAL A 309 26.53 -9.82 -7.56
N ALA A 310 27.38 -10.32 -6.67
CA ALA A 310 27.68 -11.76 -6.64
C ALA A 310 26.40 -12.56 -6.35
N VAL A 311 26.11 -13.53 -7.22
CA VAL A 311 24.90 -14.34 -7.04
C VAL A 311 24.85 -14.95 -5.63
N ASP A 312 26.01 -15.11 -4.99
CA ASP A 312 26.03 -15.64 -3.64
C ASP A 312 25.44 -14.64 -2.63
N ALA A 313 25.91 -13.39 -2.64
CA ALA A 313 25.39 -12.37 -1.71
C ALA A 313 23.90 -12.11 -1.93
N LEU A 314 23.44 -12.30 -3.16
CA LEU A 314 22.02 -12.10 -3.48
C LEU A 314 21.16 -13.13 -2.76
N ASN A 315 21.58 -14.40 -2.79
CA ASN A 315 20.82 -15.45 -2.16
C ASN A 315 20.92 -15.36 -0.63
N GLU A 316 22.04 -14.90 -0.12
CA GLU A 316 22.12 -14.69 1.32
C GLU A 316 21.14 -13.59 1.76
N ALA A 317 21.01 -12.52 0.97
CA ALA A 317 19.96 -11.54 1.24
C ALA A 317 18.58 -12.15 1.05
N LEU A 318 18.37 -12.93 -0.02
CA LEU A 318 17.07 -13.60 -0.16
C LEU A 318 16.82 -14.54 1.02
N ASP A 319 17.89 -15.10 1.60
CA ASP A 319 17.73 -16.07 2.69
C ASP A 319 17.15 -15.40 3.93
N SER A 320 17.49 -14.12 4.14
CA SER A 320 17.09 -13.39 5.33
C SER A 320 15.62 -13.04 5.33
N TYR A 321 14.91 -13.24 4.21
CA TYR A 321 13.53 -12.77 4.08
C TYR A 321 12.63 -13.41 5.14
N GLN A 322 12.66 -14.72 5.27
CA GLN A 322 11.66 -15.31 6.15
C GLN A 322 11.93 -14.97 7.62
N GLN A 323 13.19 -14.82 8.06
CA GLN A 323 13.36 -14.37 9.46
C GLN A 323 12.84 -12.94 9.67
N VAL A 324 13.14 -12.00 8.76
CA VAL A 324 12.63 -10.63 8.93
C VAL A 324 11.10 -10.63 8.99
N LEU A 325 10.47 -11.29 8.03
CA LEU A 325 9.03 -11.27 7.99
C LEU A 325 8.49 -11.86 9.28
N LEU A 326 9.07 -12.96 9.73
CA LEU A 326 8.52 -13.62 10.91
C LEU A 326 8.75 -12.78 12.17
N THR A 327 9.89 -12.08 12.25
CA THR A 327 10.13 -11.17 13.38
C THR A 327 9.05 -10.08 13.46
N HIS A 328 8.84 -9.36 12.37
CA HIS A 328 7.84 -8.31 12.35
C HIS A 328 6.42 -8.86 12.60
N TYR A 329 6.05 -9.93 11.88
CA TYR A 329 4.71 -10.50 12.07
C TYR A 329 4.52 -10.96 13.49
N GLY A 330 5.53 -11.63 14.07
CA GLY A 330 5.35 -12.13 15.41
C GLY A 330 5.24 -11.03 16.43
N GLN A 331 6.10 -10.01 16.31
CA GLN A 331 5.99 -8.89 17.24
C GLN A 331 4.65 -8.16 17.09
N ARG A 332 4.16 -7.98 15.85
CA ARG A 332 2.88 -7.28 15.68
C ARG A 332 1.71 -8.10 16.24
N MSE A 333 1.74 -9.42 16.05
CA MSE A 333 0.63 -10.28 16.54
C MSE A 333 0.59 -10.26 18.07
O MSE A 333 -0.50 -10.05 18.62
CB MSE A 333 0.74 -11.70 15.98
CG MSE A 333 0.62 -11.79 14.47
SE MSE A 333 -1.10 -11.29 13.65
CE MSE A 333 -2.43 -11.12 15.24
N ARG A 334 1.74 -10.45 18.72
CA ARG A 334 1.83 -10.44 20.21
C ARG A 334 1.16 -9.17 20.75
N GLN A 335 1.43 -8.02 20.12
CA GLN A 335 0.73 -6.79 20.47
C GLN A 335 -0.77 -6.93 20.22
N LYS A 336 -1.17 -7.54 19.09
CA LYS A 336 -2.60 -7.63 18.80
C LYS A 336 -3.33 -8.53 19.80
N LEU A 337 -2.65 -9.56 20.31
CA LEU A 337 -3.20 -10.47 21.31
C LEU A 337 -2.97 -9.97 22.72
N GLY A 338 -2.22 -8.89 22.90
CA GLY A 338 -2.01 -8.35 24.22
C GLY A 338 -0.95 -9.08 25.02
N PHE A 339 -0.10 -9.84 24.36
CA PHE A 339 0.93 -10.60 25.03
C PHE A 339 2.09 -9.65 25.32
N MSE A 340 2.21 -9.16 26.55
CA MSE A 340 3.27 -8.19 26.91
C MSE A 340 4.64 -8.83 27.13
O MSE A 340 5.67 -8.15 27.11
CB MSE A 340 2.94 -7.40 28.19
CG MSE A 340 1.51 -6.93 28.36
SE MSE A 340 0.82 -6.14 26.76
CE MSE A 340 0.58 -4.35 27.46
N THR A 341 4.63 -10.12 27.41
CA THR A 341 5.82 -10.95 27.46
C THR A 341 5.71 -12.01 26.35
N GLU A 342 6.59 -13.03 26.38
CA GLU A 342 6.58 -14.06 25.35
C GLU A 342 6.71 -15.43 25.99
N GLN A 343 5.61 -16.15 26.07
CA GLN A 343 5.64 -17.55 26.47
C GLN A 343 5.51 -18.45 25.23
N LYS A 344 5.91 -19.70 25.38
CA LYS A 344 5.90 -20.56 24.21
C LYS A 344 4.54 -21.20 23.99
N GLU A 345 3.58 -20.95 24.89
CA GLU A 345 2.17 -21.17 24.57
C GLU A 345 1.70 -20.31 23.40
N ASP A 346 2.45 -19.24 23.07
CA ASP A 346 1.89 -18.20 22.22
C ASP A 346 1.54 -18.72 20.83
N ASN A 347 2.39 -19.57 20.24
CA ASN A 347 2.14 -19.95 18.85
C ASN A 347 0.95 -20.89 18.73
N ALA A 348 0.73 -21.75 19.74
CA ALA A 348 -0.42 -22.64 19.70
C ALA A 348 -1.71 -21.86 19.93
N LEU A 349 -1.70 -20.90 20.86
CA LEU A 349 -2.89 -20.07 21.08
C LEU A 349 -3.25 -19.33 19.80
N LEU A 350 -2.23 -18.79 19.13
CA LEU A 350 -2.45 -18.14 17.85
C LEU A 350 -3.03 -19.12 16.83
N ASN A 351 -2.30 -20.21 16.54
CA ASN A 351 -2.69 -21.16 15.51
C ASN A 351 -4.11 -21.68 15.78
N GLU A 352 -4.46 -21.84 17.05
CA GLU A 352 -5.80 -22.33 17.39
C GLU A 352 -6.83 -21.24 17.18
N LEU A 353 -6.43 -19.98 17.38
CA LEU A 353 -7.36 -18.90 17.13
C LEU A 353 -7.66 -18.78 15.65
N PHE A 354 -6.61 -18.75 14.82
CA PHE A 354 -6.82 -18.58 13.38
C PHE A 354 -7.59 -19.76 12.79
N SER A 355 -7.31 -20.99 13.25
CA SER A 355 -8.09 -22.16 12.85
C SER A 355 -9.55 -22.01 13.20
N LEU A 356 -9.85 -21.52 14.40
CA LEU A 356 -11.24 -21.34 14.79
C LEU A 356 -11.91 -20.24 13.99
N MSE A 357 -11.23 -19.12 13.86
CA MSE A 357 -11.76 -17.96 13.18
C MSE A 357 -12.14 -18.26 11.75
O MSE A 357 -13.07 -17.69 11.21
CB MSE A 357 -10.70 -16.84 13.21
CG MSE A 357 -10.77 -16.00 14.43
SE MSE A 357 -9.29 -14.71 14.45
CE MSE A 357 -10.23 -13.18 13.79
N ALA A 358 -11.35 -19.14 11.15
CA ALA A 358 -11.57 -19.52 9.76
C ALA A 358 -12.83 -20.38 9.65
N ARG A 359 -12.96 -21.39 10.50
CA ARG A 359 -14.16 -22.25 10.47
C ARG A 359 -15.43 -21.47 10.77
N GLU A 360 -15.36 -20.45 11.63
CA GLU A 360 -16.51 -19.65 11.99
C GLU A 360 -16.70 -18.45 11.11
N ARG A 361 -15.79 -18.25 10.14
CA ARG A 361 -15.76 -17.09 9.25
C ARG A 361 -15.89 -15.77 10.04
N SER A 362 -15.22 -15.70 11.21
CA SER A 362 -15.27 -14.51 12.03
C SER A 362 -14.76 -13.28 11.28
N ASP A 363 -15.34 -12.13 11.57
CA ASP A 363 -14.82 -10.90 10.98
C ASP A 363 -13.43 -10.60 11.55
N TYR A 364 -12.45 -10.28 10.68
CA TYR A 364 -11.08 -10.15 11.16
C TYR A 364 -10.96 -8.96 12.09
N THR A 365 -11.32 -7.78 11.62
CA THR A 365 -11.06 -6.56 12.37
C THR A 365 -11.84 -6.56 13.65
N ARG A 366 -13.13 -6.88 13.56
CA ARG A 366 -13.99 -6.86 14.73
C ARG A 366 -13.53 -7.85 15.79
N THR A 367 -13.08 -9.04 15.38
CA THR A 367 -12.66 -10.01 16.39
C THR A 367 -11.51 -9.44 17.21
N PHE A 368 -10.52 -8.87 16.55
CA PHE A 368 -9.39 -8.37 17.31
C PHE A 368 -9.80 -7.17 18.15
N ARG A 369 -10.67 -6.30 17.63
CA ARG A 369 -11.06 -5.16 18.44
C ARG A 369 -11.86 -5.61 19.66
N MSE A 370 -12.64 -6.69 19.52
CA MSE A 370 -13.41 -7.14 20.68
C MSE A 370 -12.46 -7.85 21.63
O MSE A 370 -12.59 -7.75 22.85
CB MSE A 370 -14.53 -8.04 20.21
CG MSE A 370 -15.67 -7.20 19.69
SE MSE A 370 -17.33 -8.17 19.29
CE MSE A 370 -16.83 -9.33 17.77
N LEU A 371 -11.46 -8.56 21.09
CA LEU A 371 -10.54 -9.26 21.96
C LEU A 371 -9.77 -8.27 22.82
N SER A 372 -9.65 -7.01 22.36
CA SER A 372 -8.97 -5.96 23.13
C SER A 372 -9.73 -5.56 24.37
N LEU A 373 -10.93 -6.09 24.59
CA LEU A 373 -11.64 -5.83 25.84
C LEU A 373 -11.44 -6.92 26.89
N THR A 374 -10.66 -7.96 26.57
CA THR A 374 -10.57 -9.11 27.43
C THR A 374 -10.13 -8.72 28.83
N GLU A 375 -10.75 -9.32 29.82
CA GLU A 375 -10.27 -9.25 31.19
C GLU A 375 -9.75 -10.63 31.57
N GLN A 376 -8.53 -10.65 32.13
CA GLN A 376 -7.81 -11.91 32.31
C GLN A 376 -8.60 -12.88 33.17
N HIS A 377 -9.26 -12.39 34.21
CA HIS A 377 -9.91 -13.28 35.17
C HIS A 377 -11.36 -13.58 34.82
N SER A 378 -11.92 -12.90 33.82
CA SER A 378 -13.33 -13.09 33.51
C SER A 378 -13.48 -13.94 32.26
N ALA A 379 -14.64 -14.60 32.16
CA ALA A 379 -15.05 -15.37 31.00
C ALA A 379 -16.03 -14.60 30.12
N ALA A 380 -16.47 -13.44 30.59
CA ALA A 380 -17.40 -12.56 29.89
C ALA A 380 -16.86 -12.12 28.54
N ASP A 385 -19.82 -15.21 21.97
CA ASP A 385 -21.15 -14.82 21.53
C ASP A 385 -21.30 -14.74 19.99
N GLU A 386 -20.20 -14.87 19.23
CA GLU A 386 -20.27 -14.78 17.78
C GLU A 386 -19.88 -16.10 17.08
N PHE A 387 -20.11 -17.25 17.74
CA PHE A 387 -19.59 -18.50 17.24
C PHE A 387 -20.64 -19.60 17.31
N ILE A 388 -20.72 -20.39 16.23
CA ILE A 388 -21.56 -21.59 16.16
C ILE A 388 -21.11 -22.63 17.18
N ASP A 389 -19.81 -22.72 17.43
CA ASP A 389 -19.25 -23.64 18.42
C ASP A 389 -18.74 -22.81 19.59
N ARG A 390 -19.67 -22.34 20.42
CA ARG A 390 -19.29 -21.62 21.64
C ARG A 390 -18.48 -22.49 22.58
N ALA A 391 -18.69 -23.80 22.56
CA ALA A 391 -17.88 -24.72 23.35
C ALA A 391 -16.39 -24.56 23.05
N ALA A 392 -16.04 -24.56 21.76
CA ALA A 392 -14.64 -24.45 21.37
C ALA A 392 -14.06 -23.07 21.67
N PHE A 393 -14.90 -22.02 21.65
CA PHE A 393 -14.43 -20.68 21.97
C PHE A 393 -14.03 -20.60 23.44
N ASP A 394 -14.99 -20.85 24.34
CA ASP A 394 -14.73 -20.72 25.77
C ASP A 394 -13.57 -21.60 26.23
N ASP A 395 -13.31 -22.71 25.54
CA ASP A 395 -12.13 -23.52 25.84
C ASP A 395 -10.85 -22.81 25.39
N TRP A 396 -10.87 -22.21 24.21
CA TRP A 396 -9.70 -21.47 23.78
C TRP A 396 -9.52 -20.20 24.60
N PHE A 397 -10.61 -19.43 24.77
CA PHE A 397 -10.57 -18.21 25.57
C PHE A 397 -10.02 -18.49 26.94
N ALA A 398 -10.43 -19.63 27.55
CA ALA A 398 -9.93 -20.03 28.86
C ALA A 398 -8.41 -20.16 28.86
N ARG A 399 -7.87 -20.96 27.95
CA ARG A 399 -6.43 -21.13 27.88
C ARG A 399 -5.75 -19.83 27.46
N TYR A 400 -6.42 -19.00 26.65
CA TYR A 400 -5.87 -17.68 26.29
C TYR A 400 -5.77 -16.79 27.53
N ARG A 401 -6.83 -16.72 28.33
CA ARG A 401 -6.79 -15.79 29.44
C ARG A 401 -5.83 -16.24 30.53
N GLY A 402 -5.66 -17.56 30.70
CA GLY A 402 -4.67 -18.05 31.64
C GLY A 402 -3.27 -17.62 31.28
N ARG A 403 -2.94 -17.69 29.98
CA ARG A 403 -1.63 -17.26 29.55
C ARG A 403 -1.46 -15.76 29.73
N LEU A 404 -2.54 -14.98 29.62
CA LEU A 404 -2.44 -13.53 29.87
C LEU A 404 -1.98 -13.23 31.30
N GLN A 405 -2.50 -13.99 32.29
CA GLN A 405 -2.16 -13.68 33.67
C GLN A 405 -0.66 -13.79 33.92
N GLN A 406 0.01 -14.64 33.15
CA GLN A 406 1.45 -14.78 33.27
C GLN A 406 2.17 -13.45 33.04
N ASP A 407 1.59 -12.53 32.26
CA ASP A 407 2.24 -11.24 32.03
C ASP A 407 2.38 -10.43 33.31
N GLU A 408 1.50 -10.65 34.28
CA GLU A 408 1.41 -9.84 35.50
C GLU A 408 1.40 -8.36 35.15
N VAL A 409 0.50 -8.00 34.24
CA VAL A 409 0.25 -6.59 33.97
C VAL A 409 -1.25 -6.42 33.97
N SER A 410 -1.67 -5.18 34.18
CA SER A 410 -3.06 -4.88 34.50
C SER A 410 -3.96 -5.13 33.29
N ASP A 411 -5.21 -5.52 33.58
CA ASP A 411 -6.28 -5.48 32.59
C ASP A 411 -6.22 -4.18 31.79
N SER A 412 -5.93 -3.09 32.50
CA SER A 412 -6.06 -1.74 31.94
C SER A 412 -4.99 -1.46 30.90
N GLU A 413 -3.73 -1.80 31.19
CA GLU A 413 -2.71 -1.37 30.23
C GLU A 413 -2.61 -2.32 29.05
N ARG A 414 -2.95 -3.60 29.24
CA ARG A 414 -3.14 -4.52 28.12
C ARG A 414 -4.20 -3.99 27.16
N GLN A 415 -5.35 -3.61 27.71
CA GLN A 415 -6.43 -3.08 26.88
C GLN A 415 -5.97 -1.83 26.12
N GLN A 416 -5.18 -0.98 26.76
CA GLN A 416 -4.75 0.22 26.05
C GLN A 416 -3.71 -0.11 24.95
N LEU A 417 -2.83 -1.08 25.21
CA LEU A 417 -1.90 -1.49 24.17
C LEU A 417 -2.64 -2.09 22.98
N MSE A 418 -3.62 -2.94 23.23
CA MSE A 418 -4.35 -3.57 22.16
C MSE A 418 -5.17 -2.59 21.38
O MSE A 418 -5.18 -2.66 20.16
CB MSE A 418 -5.25 -4.70 22.69
CG MSE A 418 -4.53 -5.71 23.53
SE MSE A 418 -5.60 -7.06 24.42
CE MSE A 418 -5.61 -8.38 23.09
N GLN A 419 -5.81 -1.65 22.06
CA GLN A 419 -6.59 -0.69 21.32
C GLN A 419 -5.71 0.21 20.45
N SER A 420 -4.41 0.27 20.73
CA SER A 420 -3.54 1.10 19.94
C SER A 420 -3.01 0.36 18.72
N VAL A 421 -3.17 -0.96 18.65
CA VAL A 421 -2.74 -1.71 17.46
C VAL A 421 -3.87 -2.45 16.75
N ASN A 422 -5.05 -2.65 17.37
CA ASN A 422 -6.18 -3.27 16.70
C ASN A 422 -7.14 -2.16 16.29
N PRO A 423 -7.23 -1.79 15.02
CA PRO A 423 -8.06 -0.64 14.66
C PRO A 423 -9.54 -0.93 14.94
N ALA A 424 -10.26 0.12 15.32
CA ALA A 424 -11.72 0.05 15.35
C ALA A 424 -12.33 0.07 13.98
N LEU A 425 -11.59 0.55 12.98
CA LEU A 425 -12.15 0.80 11.66
C LEU A 425 -11.08 0.49 10.63
N VAL A 426 -11.46 -0.21 9.56
CA VAL A 426 -10.65 -0.36 8.35
C VAL A 426 -11.48 0.03 7.14
N LEU A 427 -10.79 0.23 6.02
CA LEU A 427 -11.48 0.66 4.80
C LEU A 427 -12.11 -0.56 4.14
N ARG A 428 -13.33 -0.87 4.56
CA ARG A 428 -14.07 -1.99 4.00
C ARG A 428 -14.65 -1.60 2.63
N ASN A 429 -14.85 -2.60 1.76
CA ASN A 429 -15.28 -2.26 0.39
C ASN A 429 -16.61 -1.51 0.35
N TRP A 430 -17.49 -1.76 1.32
CA TRP A 430 -18.83 -1.18 1.25
C TRP A 430 -18.88 0.26 1.75
N LEU A 431 -17.93 0.64 2.61
CA LEU A 431 -17.77 2.04 2.98
C LEU A 431 -17.27 2.85 1.79
N ALA A 432 -16.26 2.34 1.09
CA ALA A 432 -15.78 3.03 -0.10
C ALA A 432 -16.88 3.12 -1.16
N GLN A 433 -17.60 2.02 -1.41
N GLN A 433 -17.57 2.00 -1.42
CA GLN A 433 -18.59 2.10 -2.48
CA GLN A 433 -18.65 2.00 -2.41
C GLN A 433 -19.70 3.09 -2.12
C GLN A 433 -19.64 3.10 -2.10
N ARG A 434 -20.06 3.19 -0.83
CA ARG A 434 -21.03 4.21 -0.41
C ARG A 434 -20.54 5.62 -0.75
N ALA A 435 -19.25 5.93 -0.47
CA ALA A 435 -18.72 7.24 -0.85
C ALA A 435 -18.70 7.43 -2.37
N ILE A 436 -18.34 6.38 -3.11
CA ILE A 436 -18.37 6.44 -4.57
C ILE A 436 -19.78 6.71 -5.08
N GLU A 437 -20.78 5.99 -4.57
CA GLU A 437 -22.14 6.20 -5.07
C GLU A 437 -22.57 7.66 -4.86
N ALA A 438 -22.41 8.15 -3.63
CA ALA A 438 -22.65 9.56 -3.30
C ALA A 438 -21.86 10.52 -4.18
N ALA A 439 -20.57 10.22 -4.39
CA ALA A 439 -19.69 11.05 -5.22
C ALA A 439 -20.21 11.16 -6.66
N GLU A 440 -20.57 10.04 -7.28
CA GLU A 440 -21.04 10.11 -8.66
C GLU A 440 -22.30 10.94 -8.80
N LYS A 441 -23.12 11.01 -7.74
CA LYS A 441 -24.30 11.85 -7.68
C LYS A 441 -23.99 13.30 -7.32
N GLY A 442 -22.70 13.68 -7.19
CA GLY A 442 -22.35 15.04 -6.87
C GLY A 442 -22.36 15.39 -5.39
N ASP A 443 -22.47 14.41 -4.51
CA ASP A 443 -22.44 14.66 -3.07
C ASP A 443 -21.12 14.11 -2.52
N MSE A 444 -20.16 15.00 -2.28
CA MSE A 444 -18.85 14.57 -1.71
C MSE A 444 -18.79 14.43 -0.21
O MSE A 444 -17.69 14.13 0.32
CB MSE A 444 -17.71 15.53 -2.04
CG MSE A 444 -17.54 16.00 -3.48
SE MSE A 444 -18.07 14.69 -4.77
CE MSE A 444 -16.74 13.38 -4.56
N THR A 445 -19.90 14.71 0.46
CA THR A 445 -19.86 14.71 1.92
C THR A 445 -19.43 13.36 2.47
N GLU A 446 -19.91 12.25 1.88
CA GLU A 446 -19.55 10.93 2.39
C GLU A 446 -18.05 10.69 2.22
N LEU A 447 -17.54 10.94 1.02
CA LEU A 447 -16.09 10.85 0.80
C LEU A 447 -15.28 11.63 1.86
N HIS A 448 -15.70 12.85 2.18
CA HIS A 448 -14.93 13.65 3.13
C HIS A 448 -15.06 13.11 4.54
N ARG A 449 -16.26 12.63 4.85
CA ARG A 449 -16.53 12.03 6.14
C ARG A 449 -15.73 10.76 6.35
N LEU A 450 -15.66 9.91 5.33
CA LEU A 450 -14.93 8.66 5.45
C LEU A 450 -13.44 8.94 5.56
N HIS A 451 -12.91 9.87 4.75
CA HIS A 451 -11.47 10.19 4.87
C HIS A 451 -11.13 10.66 6.28
N GLU A 452 -11.96 11.53 6.86
CA GLU A 452 -11.77 11.93 8.24
C GLU A 452 -11.72 10.74 9.17
N ALA A 453 -12.66 9.81 9.03
CA ALA A 453 -12.74 8.71 9.98
C ALA A 453 -11.47 7.86 9.92
N LEU A 454 -10.92 7.71 8.71
CA LEU A 454 -9.74 6.90 8.50
C LEU A 454 -8.50 7.56 9.05
N ARG A 455 -8.55 8.86 9.33
CA ARG A 455 -7.36 9.42 10.01
C ARG A 455 -7.30 9.00 11.48
N ASN A 456 -8.32 8.34 12.02
CA ASN A 456 -8.31 7.88 13.44
C ASN A 456 -8.76 6.44 13.57
N PRO A 457 -8.02 5.48 12.98
CA PRO A 457 -8.50 4.07 12.96
C PRO A 457 -8.54 3.41 14.33
N PHE A 458 -7.81 3.91 15.30
CA PHE A 458 -7.71 3.27 16.61
C PHE A 458 -8.65 3.88 17.62
N SER A 459 -9.52 4.81 17.20
CA SER A 459 -10.47 5.47 18.08
C SER A 459 -11.82 4.82 17.91
N ASP A 460 -12.50 4.59 19.03
CA ASP A 460 -13.80 3.95 18.95
C ASP A 460 -14.87 4.90 18.40
N ARG A 461 -15.91 4.30 17.79
CA ARG A 461 -16.90 5.01 17.01
C ARG A 461 -18.28 4.61 17.48
N ASP A 462 -19.27 5.46 17.25
CA ASP A 462 -20.64 5.02 17.45
C ASP A 462 -21.41 4.75 16.15
N ASP A 463 -20.92 5.23 15.01
CA ASP A 463 -21.65 5.13 13.76
C ASP A 463 -21.41 3.78 13.07
N ASP A 464 -21.85 3.64 11.81
CA ASP A 464 -21.72 2.40 11.07
C ASP A 464 -20.33 2.18 10.45
N TYR A 465 -19.36 3.08 10.65
CA TYR A 465 -18.04 2.84 10.09
C TYR A 465 -17.35 1.62 10.70
N VAL A 466 -17.82 1.13 11.85
CA VAL A 466 -17.20 -0.02 12.47
C VAL A 466 -18.01 -1.30 12.27
N SER A 467 -19.15 -1.23 11.59
CA SER A 467 -20.00 -2.41 11.41
C SER A 467 -19.50 -3.26 10.25
N ARG A 468 -19.89 -4.53 10.28
CA ARG A 468 -19.72 -5.36 9.11
C ARG A 468 -20.61 -4.85 8.00
N PRO A 469 -20.32 -5.22 6.75
CA PRO A 469 -21.19 -4.81 5.63
C PRO A 469 -22.60 -5.34 5.83
N PRO A 470 -23.61 -4.71 5.23
CA PRO A 470 -25.00 -5.03 5.57
C PRO A 470 -25.51 -6.40 5.10
N ASP A 471 -24.97 -6.96 4.01
CA ASP A 471 -25.56 -8.16 3.36
C ASP A 471 -27.06 -8.00 3.05
PG ANP B . 0.26 2.60 -11.13
O1G ANP B . 1.38 3.72 -11.41
O2G ANP B . 1.09 1.27 -10.97
O3G ANP B . -0.57 2.88 -9.91
PB ANP B . -1.71 1.57 -13.03
O1B ANP B . -2.83 1.39 -11.96
O2B ANP B . -2.35 2.02 -14.34
N3B ANP B . -0.61 2.72 -12.60
PA ANP B . -1.50 -1.26 -13.36
O1A ANP B . -0.52 -2.22 -12.64
O2A ANP B . -2.91 -1.37 -12.83
O3A ANP B . -0.90 0.25 -13.17
O5' ANP B . -1.51 -1.52 -14.93
C5' ANP B . -0.55 -2.34 -15.64
C4' ANP B . 0.05 -1.55 -16.79
O4' ANP B . -0.99 -1.12 -17.70
C3' ANP B . 0.79 -0.27 -16.38
O3' ANP B . 1.82 0.03 -17.31
C2' ANP B . -0.30 0.79 -16.50
O2' ANP B . 0.30 2.05 -16.77
C1' ANP B . -1.06 0.29 -17.74
N9 ANP B . -2.46 0.70 -17.80
C8 ANP B . -3.47 0.34 -16.94
N7 ANP B . -4.62 0.89 -17.22
C5 ANP B . -4.36 1.67 -18.33
C6 ANP B . -5.16 2.53 -19.11
N6 ANP B . -6.46 2.74 -18.91
N1 ANP B . -4.57 3.19 -20.13
C2 ANP B . -3.26 3.02 -20.33
N3 ANP B . -2.40 2.26 -19.66
C4 ANP B . -3.01 1.60 -18.68
MG MG C . 0.52 -0.66 -11.64
MG MG D . -3.61 -0.42 -10.99
#